data_1B8X
#
_entry.id   1B8X
#
_cell.length_a   93.400
_cell.length_b   93.400
_cell.length_c   57.600
_cell.angle_alpha   90.00
_cell.angle_beta   90.00
_cell.angle_gamma   90.00
#
_symmetry.space_group_name_H-M   'P 43 21 2'
#
_entity_poly.entity_id   1
_entity_poly.type   'polypeptide(L)'
_entity_poly.pdbx_seq_one_letter_code
;SPILGYWKIKGLVQPTRLLLEYLEEKYEEHLYERDEGDKWRNKKFELGLEFPNLPYYIDGDVKLTQSMAIIRYIADKHNM
LGGCPKERAEISMLEGAVLDIRYGVSRIAYSKDFETLKVDFLSKLPEMLKMFEDRLCHKTYLNGDHVTHPDFMLYDALDV
VLYMDPMCLDAFPKLVCFKKRIEAIPQIDKYLKSSKYIAWPLQGWQATFGGGDHPPKSDLVPRGSRRASVGSRMHYPGAF
TYSPTPVTSGIGIGMSAMGSATRYHTYLPPPYPGEFIVID
;
_entity_poly.pdbx_strand_id   A
#
# COMPACT_ATOMS: atom_id res chain seq x y z
N SER A 1 -3.73 -8.22 -26.43
CA SER A 1 -3.72 -8.58 -24.97
C SER A 1 -2.47 -8.05 -24.30
N PRO A 2 -2.63 -7.37 -23.16
CA PRO A 2 -1.49 -6.82 -22.42
C PRO A 2 -0.94 -7.84 -21.45
N ILE A 3 0.37 -7.93 -21.34
CA ILE A 3 0.98 -8.87 -20.41
C ILE A 3 1.87 -8.14 -19.44
N LEU A 4 1.36 -7.96 -18.22
CA LEU A 4 2.06 -7.30 -17.14
C LEU A 4 3.08 -8.27 -16.55
N GLY A 5 4.34 -7.86 -16.55
CA GLY A 5 5.38 -8.72 -16.00
C GLY A 5 5.99 -8.16 -14.74
N TYR A 6 6.37 -9.06 -13.83
CA TYR A 6 6.99 -8.69 -12.57
C TYR A 6 7.25 -9.97 -11.77
N TRP A 7 7.68 -9.82 -10.52
CA TRP A 7 7.94 -10.96 -9.66
C TRP A 7 6.62 -11.31 -8.98
N LYS A 8 6.58 -12.49 -8.36
CA LYS A 8 5.39 -12.92 -7.65
C LYS A 8 5.38 -12.24 -6.27
N ILE A 9 5.41 -10.91 -6.27
CA ILE A 9 5.41 -10.12 -5.04
C ILE A 9 4.61 -8.82 -5.21
N LYS A 10 4.41 -8.10 -4.12
CA LYS A 10 3.67 -6.83 -4.16
C LYS A 10 4.48 -5.78 -4.94
N GLY A 11 5.74 -5.59 -4.54
CA GLY A 11 6.63 -4.65 -5.20
C GLY A 11 6.09 -3.34 -5.77
N LEU A 12 6.48 -3.03 -7.00
CA LEU A 12 6.07 -1.79 -7.65
C LEU A 12 4.85 -1.95 -8.54
N VAL A 13 4.54 -3.18 -8.94
CA VAL A 13 3.41 -3.43 -9.83
C VAL A 13 2.07 -3.74 -9.14
N GLN A 14 2.03 -3.73 -7.82
CA GLN A 14 0.77 -4.02 -7.14
C GLN A 14 -0.34 -3.04 -7.46
N PRO A 15 -0.11 -1.74 -7.22
CA PRO A 15 -1.17 -0.76 -7.51
C PRO A 15 -1.68 -0.78 -8.96
N THR A 16 -0.84 -1.20 -9.91
CA THR A 16 -1.29 -1.25 -11.29
C THR A 16 -2.18 -2.47 -11.39
N ARG A 17 -1.96 -3.42 -10.50
CA ARG A 17 -2.74 -4.66 -10.45
C ARG A 17 -4.15 -4.35 -9.91
N LEU A 18 -4.24 -3.34 -9.06
CA LEU A 18 -5.50 -2.92 -8.46
C LEU A 18 -6.31 -2.00 -9.38
N LEU A 19 -5.63 -1.38 -10.33
CA LEU A 19 -6.29 -0.47 -11.27
C LEU A 19 -6.87 -1.29 -12.41
N LEU A 20 -6.08 -2.25 -12.90
CA LEU A 20 -6.52 -3.13 -13.97
C LEU A 20 -7.77 -3.84 -13.46
N GLU A 21 -7.68 -4.33 -12.23
CA GLU A 21 -8.81 -5.00 -11.62
C GLU A 21 -10.02 -4.08 -11.63
N TYR A 22 -9.85 -2.90 -11.01
CA TYR A 22 -10.93 -1.91 -10.92
C TYR A 22 -11.49 -1.44 -12.28
N LEU A 23 -10.70 -1.56 -13.34
CA LEU A 23 -11.16 -1.14 -14.65
C LEU A 23 -11.60 -2.34 -15.48
N GLU A 24 -11.96 -3.43 -14.81
CA GLU A 24 -12.40 -4.66 -15.47
C GLU A 24 -11.53 -4.96 -16.68
N GLU A 25 -10.24 -4.68 -16.58
CA GLU A 25 -9.32 -4.89 -17.70
C GLU A 25 -8.82 -6.32 -17.93
N LYS A 26 -8.64 -6.65 -19.20
CA LYS A 26 -8.18 -7.97 -19.61
C LYS A 26 -6.66 -7.97 -19.78
N TYR A 27 -5.99 -8.84 -19.03
CA TYR A 27 -4.54 -8.94 -19.08
C TYR A 27 -4.09 -10.24 -18.43
N GLU A 28 -2.91 -10.70 -18.80
CA GLU A 28 -2.37 -11.90 -18.22
C GLU A 28 -0.93 -11.61 -17.85
N GLU A 29 -0.64 -11.60 -16.56
CA GLU A 29 0.70 -11.30 -16.07
C GLU A 29 1.69 -12.42 -16.28
N HIS A 30 2.98 -12.05 -16.28
CA HIS A 30 4.09 -12.97 -16.44
C HIS A 30 4.88 -12.97 -15.14
N LEU A 31 4.33 -13.64 -14.12
CA LEU A 31 4.94 -13.71 -12.81
C LEU A 31 6.27 -14.47 -12.83
N TYR A 32 7.23 -14.00 -12.04
CA TYR A 32 8.53 -14.63 -11.91
C TYR A 32 8.80 -14.79 -10.42
N GLU A 33 9.26 -15.96 -10.01
CA GLU A 33 9.54 -16.22 -8.60
C GLU A 33 11.04 -16.29 -8.37
N ARG A 34 11.44 -16.45 -7.11
CA ARG A 34 12.85 -16.54 -6.78
C ARG A 34 13.53 -17.52 -7.71
N ASP A 35 13.05 -18.76 -7.66
CA ASP A 35 13.61 -19.85 -8.47
C ASP A 35 14.03 -19.37 -9.85
N GLU A 36 13.06 -19.05 -10.69
CA GLU A 36 13.32 -18.63 -12.04
C GLU A 36 13.89 -17.22 -12.22
N GLY A 37 15.06 -16.96 -11.64
CA GLY A 37 15.69 -15.67 -11.80
C GLY A 37 16.45 -15.73 -13.12
N ASP A 38 16.72 -16.97 -13.55
CA ASP A 38 17.43 -17.23 -14.80
C ASP A 38 16.42 -17.23 -15.93
N LYS A 39 15.15 -17.44 -15.60
CA LYS A 39 14.08 -17.42 -16.58
C LYS A 39 14.12 -16.01 -17.12
N TRP A 40 13.90 -15.03 -16.24
CA TRP A 40 13.96 -13.63 -16.63
C TRP A 40 15.45 -13.29 -16.68
N ARG A 41 15.99 -13.27 -17.90
CA ARG A 41 17.40 -12.98 -18.15
C ARG A 41 17.67 -13.63 -19.50
N ASN A 42 17.03 -14.78 -19.74
CA ASN A 42 17.15 -15.46 -21.03
C ASN A 42 15.94 -15.01 -21.84
N LYS A 43 15.18 -14.08 -21.25
CA LYS A 43 13.98 -13.54 -21.87
C LYS A 43 14.01 -12.01 -21.87
N LYS A 44 14.53 -11.46 -20.78
CA LYS A 44 14.64 -10.03 -20.59
C LYS A 44 14.80 -9.22 -21.86
N PHE A 45 15.83 -9.54 -22.64
CA PHE A 45 16.11 -8.81 -23.87
C PHE A 45 15.37 -9.31 -25.13
N GLU A 46 14.86 -10.53 -25.08
CA GLU A 46 14.13 -11.10 -26.21
C GLU A 46 12.68 -10.65 -26.17
N LEU A 47 12.47 -9.44 -25.65
CA LEU A 47 11.13 -8.87 -25.52
C LEU A 47 10.94 -7.62 -26.38
N GLY A 48 11.99 -7.23 -27.10
CA GLY A 48 11.90 -6.04 -27.92
C GLY A 48 11.60 -4.87 -27.01
N LEU A 49 12.08 -5.00 -25.77
CA LEU A 49 11.88 -3.97 -24.75
C LEU A 49 12.92 -2.87 -24.85
N GLU A 50 12.44 -1.64 -25.00
CA GLU A 50 13.29 -0.45 -25.11
C GLU A 50 14.21 -0.26 -23.91
N PHE A 51 13.62 -0.22 -22.72
CA PHE A 51 14.40 -0.05 -21.49
C PHE A 51 14.13 -1.25 -20.59
N PRO A 52 14.70 -2.41 -20.93
CA PRO A 52 14.51 -3.64 -20.16
C PRO A 52 14.32 -3.43 -18.65
N ASN A 53 13.46 -4.23 -18.05
CA ASN A 53 13.19 -4.15 -16.62
C ASN A 53 11.91 -4.83 -16.18
N LEU A 54 11.60 -4.66 -14.90
CA LEU A 54 10.40 -5.20 -14.28
C LEU A 54 9.93 -4.08 -13.37
N PRO A 55 8.62 -3.76 -13.35
CA PRO A 55 7.53 -4.36 -14.12
C PRO A 55 7.49 -3.98 -15.59
N TYR A 56 7.07 -4.91 -16.44
CA TYR A 56 6.95 -4.59 -17.85
C TYR A 56 5.49 -4.70 -18.31
N TYR A 57 5.24 -4.39 -19.58
CA TYR A 57 3.89 -4.41 -20.12
C TYR A 57 3.91 -4.34 -21.64
N ILE A 58 3.12 -5.22 -22.26
CA ILE A 58 3.04 -5.30 -23.71
C ILE A 58 1.59 -5.31 -24.20
N ASP A 59 1.21 -4.24 -24.90
CA ASP A 59 -0.14 -4.09 -25.45
C ASP A 59 -0.15 -4.45 -26.94
N GLY A 60 0.99 -4.92 -27.42
CA GLY A 60 1.12 -5.28 -28.83
C GLY A 60 2.06 -4.29 -29.50
N ASP A 61 1.53 -3.10 -29.80
CA ASP A 61 2.34 -2.07 -30.43
C ASP A 61 3.09 -1.31 -29.34
N VAL A 62 2.79 -1.65 -28.09
CA VAL A 62 3.42 -0.98 -26.95
C VAL A 62 4.28 -1.88 -26.09
N LYS A 63 5.58 -1.90 -26.36
CA LYS A 63 6.51 -2.69 -25.56
C LYS A 63 7.07 -1.69 -24.56
N LEU A 64 6.37 -1.48 -23.45
CA LEU A 64 6.82 -0.52 -22.47
C LEU A 64 7.21 -1.09 -21.11
N THR A 65 7.88 -0.24 -20.32
CA THR A 65 8.32 -0.64 -18.99
C THR A 65 8.30 0.52 -18.00
N GLN A 66 9.25 0.51 -17.08
CA GLN A 66 9.35 1.55 -16.08
C GLN A 66 8.15 1.58 -15.16
N SER A 67 8.37 1.07 -13.95
CA SER A 67 7.40 0.96 -12.88
C SER A 67 6.12 1.82 -12.92
N MET A 68 6.26 3.13 -13.06
CA MET A 68 5.09 4.00 -13.06
C MET A 68 4.62 4.56 -14.39
N ALA A 69 5.36 4.30 -15.47
CA ALA A 69 4.96 4.79 -16.78
C ALA A 69 3.79 3.93 -17.28
N ILE A 70 3.72 2.71 -16.77
CA ILE A 70 2.67 1.78 -17.15
C ILE A 70 1.33 2.15 -16.51
N ILE A 71 1.34 2.29 -15.18
CA ILE A 71 0.13 2.63 -14.43
C ILE A 71 -0.51 3.91 -14.93
N ARG A 72 0.31 4.83 -15.42
CA ARG A 72 -0.21 6.09 -15.93
C ARG A 72 -0.77 5.83 -17.32
N TYR A 73 -0.02 5.07 -18.12
CA TYR A 73 -0.47 4.74 -19.46
C TYR A 73 -1.85 4.09 -19.37
N ILE A 74 -1.96 3.09 -18.50
CA ILE A 74 -3.24 2.42 -18.31
C ILE A 74 -4.27 3.43 -17.84
N ALA A 75 -3.83 4.40 -17.04
CA ALA A 75 -4.72 5.44 -16.52
C ALA A 75 -4.97 6.51 -17.58
N ASP A 76 -4.26 6.44 -18.69
CA ASP A 76 -4.43 7.39 -19.78
C ASP A 76 -5.54 6.85 -20.66
N LYS A 77 -5.41 5.58 -21.03
CA LYS A 77 -6.37 4.89 -21.88
C LYS A 77 -7.83 5.14 -21.47
N HIS A 78 -8.05 5.41 -20.18
CA HIS A 78 -9.39 5.61 -19.67
C HIS A 78 -9.70 7.04 -19.20
N ASN A 79 -8.86 8.00 -19.57
CA ASN A 79 -9.09 9.38 -19.17
C ASN A 79 -8.96 9.61 -17.66
N MET A 80 -7.99 8.96 -17.02
CA MET A 80 -7.82 9.10 -15.57
C MET A 80 -6.66 10.02 -15.12
N LEU A 81 -5.71 10.29 -16.00
CA LEU A 81 -4.57 11.14 -15.65
C LEU A 81 -4.95 12.56 -15.24
N GLY A 82 -5.64 13.26 -16.13
CA GLY A 82 -6.06 14.61 -15.83
C GLY A 82 -6.73 15.21 -17.04
N GLY A 83 -7.56 16.22 -16.83
CA GLY A 83 -8.24 16.87 -17.95
C GLY A 83 -7.54 18.16 -18.36
N CYS A 84 -6.90 18.80 -17.40
CA CYS A 84 -6.20 20.04 -17.64
C CYS A 84 -4.86 19.97 -16.90
N PRO A 85 -3.85 20.70 -17.40
CA PRO A 85 -2.54 20.68 -16.72
C PRO A 85 -2.67 21.06 -15.24
N LYS A 86 -3.78 21.70 -14.88
CA LYS A 86 -4.05 22.13 -13.51
C LYS A 86 -4.24 20.93 -12.59
N GLU A 87 -5.22 20.10 -12.92
CA GLU A 87 -5.55 18.91 -12.14
C GLU A 87 -4.64 17.73 -12.46
N ARG A 88 -3.97 17.77 -13.59
CA ARG A 88 -3.06 16.69 -13.93
C ARG A 88 -1.89 16.84 -12.98
N ALA A 89 -1.75 18.05 -12.45
CA ALA A 89 -0.68 18.37 -11.54
C ALA A 89 -1.01 17.83 -10.17
N GLU A 90 -2.30 17.79 -9.84
CA GLU A 90 -2.77 17.29 -8.55
C GLU A 90 -2.52 15.78 -8.44
N ILE A 91 -2.97 15.04 -9.45
CA ILE A 91 -2.82 13.59 -9.47
C ILE A 91 -1.35 13.20 -9.32
N SER A 92 -0.48 13.91 -10.01
CA SER A 92 0.94 13.62 -9.93
C SER A 92 1.51 14.02 -8.56
N MET A 93 0.85 14.98 -7.91
CA MET A 93 1.29 15.44 -6.60
C MET A 93 0.78 14.47 -5.52
N LEU A 94 -0.35 13.84 -5.80
CA LEU A 94 -0.92 12.86 -4.87
C LEU A 94 -0.06 11.63 -5.10
N GLU A 95 0.21 11.37 -6.37
CA GLU A 95 1.05 10.25 -6.78
C GLU A 95 2.37 10.34 -6.03
N GLY A 96 3.10 11.43 -6.28
CA GLY A 96 4.40 11.63 -5.64
C GLY A 96 4.40 11.68 -4.14
N ALA A 97 3.33 12.20 -3.56
CA ALA A 97 3.20 12.28 -2.12
C ALA A 97 2.99 10.87 -1.59
N VAL A 98 2.51 9.98 -2.45
CA VAL A 98 2.27 8.59 -2.06
C VAL A 98 3.61 7.85 -2.15
N LEU A 99 4.36 8.11 -3.22
CA LEU A 99 5.65 7.47 -3.45
C LEU A 99 6.68 7.78 -2.37
N ASP A 100 6.41 8.81 -1.58
CA ASP A 100 7.34 9.21 -0.53
C ASP A 100 7.31 8.17 0.60
N ILE A 101 6.12 7.59 0.80
CA ILE A 101 5.92 6.57 1.83
C ILE A 101 6.15 5.18 1.22
N ARG A 102 5.66 5.00 0.00
CA ARG A 102 5.84 3.73 -0.68
C ARG A 102 7.32 3.46 -0.85
N TYR A 103 8.08 4.52 -1.17
CA TYR A 103 9.51 4.42 -1.36
C TYR A 103 10.23 4.56 -0.01
N GLY A 104 9.57 5.23 0.93
CA GLY A 104 10.15 5.38 2.24
C GLY A 104 10.58 4.02 2.74
N VAL A 105 9.64 3.07 2.76
CA VAL A 105 9.93 1.71 3.19
C VAL A 105 10.89 1.02 2.18
N SER A 106 10.60 1.11 0.89
CA SER A 106 11.46 0.47 -0.13
C SER A 106 12.79 1.19 -0.40
N ARG A 107 13.59 1.31 0.65
CA ARG A 107 14.92 1.93 0.63
C ARG A 107 15.51 1.48 1.98
N ILE A 108 14.61 1.41 2.96
CA ILE A 108 14.94 1.01 4.31
C ILE A 108 14.60 -0.47 4.51
N ALA A 109 13.76 -0.99 3.61
CA ALA A 109 13.30 -2.38 3.68
C ALA A 109 14.37 -3.44 3.43
N TYR A 110 15.34 -3.13 2.57
CA TYR A 110 16.39 -4.09 2.26
C TYR A 110 17.70 -3.81 2.97
N SER A 111 17.73 -2.74 3.76
CA SER A 111 18.97 -2.37 4.46
C SER A 111 19.36 -3.32 5.57
N LYS A 112 20.58 -3.16 6.08
CA LYS A 112 21.05 -4.01 7.16
C LYS A 112 20.30 -3.58 8.41
N ASP A 113 20.58 -2.36 8.86
CA ASP A 113 19.93 -1.80 10.05
C ASP A 113 18.57 -1.23 9.71
N PHE A 114 17.67 -2.09 9.23
CA PHE A 114 16.32 -1.62 8.91
C PHE A 114 15.69 -1.33 10.25
N GLU A 115 15.97 -2.21 11.21
CA GLU A 115 15.45 -2.12 12.56
C GLU A 115 15.65 -0.74 13.18
N THR A 116 16.70 -0.05 12.77
CA THR A 116 16.99 1.29 13.29
C THR A 116 16.39 2.36 12.38
N LEU A 117 16.56 2.20 11.08
CA LEU A 117 16.03 3.15 10.12
C LEU A 117 14.51 3.07 10.14
N LYS A 118 14.01 2.06 10.84
CA LYS A 118 12.57 1.83 10.96
C LYS A 118 11.93 2.90 11.84
N VAL A 119 12.58 3.19 12.97
CA VAL A 119 12.09 4.16 13.94
C VAL A 119 12.05 5.58 13.37
N ASP A 120 13.02 5.89 12.51
CA ASP A 120 13.08 7.21 11.92
C ASP A 120 12.15 7.38 10.74
N PHE A 121 11.66 6.27 10.19
CA PHE A 121 10.72 6.35 9.06
C PHE A 121 9.32 6.60 9.60
N LEU A 122 8.98 5.91 10.69
CA LEU A 122 7.68 6.05 11.34
C LEU A 122 7.59 7.42 11.99
N SER A 123 8.74 8.09 12.17
CA SER A 123 8.78 9.41 12.78
C SER A 123 8.30 10.51 11.83
N LYS A 124 8.50 10.29 10.53
CA LYS A 124 8.08 11.25 9.52
C LYS A 124 6.73 10.83 8.93
N LEU A 125 6.39 9.56 9.06
CA LEU A 125 5.15 9.03 8.52
C LEU A 125 3.88 9.66 9.05
N PRO A 126 3.78 9.82 10.38
CA PRO A 126 2.58 10.43 10.97
C PRO A 126 2.39 11.86 10.52
N GLU A 127 3.44 12.43 9.90
CA GLU A 127 3.40 13.80 9.42
C GLU A 127 3.01 13.78 7.96
N MET A 128 3.31 12.66 7.29
CA MET A 128 2.98 12.48 5.89
C MET A 128 1.52 12.05 5.80
N LEU A 129 1.13 11.15 6.69
CA LEU A 129 -0.23 10.60 6.77
C LEU A 129 -1.27 11.65 7.19
N LYS A 130 -0.84 12.90 7.36
CA LYS A 130 -1.78 13.96 7.71
C LYS A 130 -2.10 14.70 6.42
N MET A 131 -1.14 14.68 5.50
CA MET A 131 -1.26 15.32 4.21
C MET A 131 -2.30 14.61 3.36
N PHE A 132 -2.52 13.34 3.68
CA PHE A 132 -3.49 12.53 2.96
C PHE A 132 -4.81 12.50 3.73
N GLU A 133 -4.71 12.53 5.06
CA GLU A 133 -5.91 12.53 5.89
C GLU A 133 -6.62 13.85 5.68
N ASP A 134 -5.87 14.95 5.86
CA ASP A 134 -6.39 16.30 5.70
C ASP A 134 -7.09 16.48 4.36
N ARG A 135 -6.51 15.90 3.32
CA ARG A 135 -7.04 16.00 1.97
C ARG A 135 -8.37 15.27 1.75
N LEU A 136 -8.70 14.33 2.64
CA LEU A 136 -9.94 13.56 2.47
C LEU A 136 -11.18 14.21 3.07
N CYS A 137 -11.02 15.33 3.78
CA CYS A 137 -12.17 16.00 4.35
C CYS A 137 -13.16 16.28 3.22
N HIS A 138 -14.31 15.61 3.28
CA HIS A 138 -15.33 15.76 2.25
C HIS A 138 -14.79 15.23 0.93
N LYS A 139 -14.35 13.98 0.96
CA LYS A 139 -13.81 13.34 -0.23
C LYS A 139 -13.82 11.82 -0.11
N THR A 140 -14.48 11.15 -1.06
CA THR A 140 -14.55 9.70 -1.09
C THR A 140 -13.15 9.19 -1.37
N TYR A 141 -12.58 9.64 -2.49
CA TYR A 141 -11.23 9.28 -2.89
C TYR A 141 -10.42 10.59 -2.93
N LEU A 142 -9.10 10.48 -2.92
CA LEU A 142 -8.24 11.66 -2.96
C LEU A 142 -8.72 12.77 -3.90
N ASN A 143 -9.18 12.41 -5.10
CA ASN A 143 -9.65 13.43 -6.00
C ASN A 143 -11.16 13.52 -6.06
N GLY A 144 -11.81 13.42 -4.90
CA GLY A 144 -13.26 13.53 -4.86
C GLY A 144 -14.14 12.31 -5.01
N ASP A 145 -15.14 12.42 -5.89
CA ASP A 145 -16.11 11.36 -6.13
C ASP A 145 -15.68 10.24 -7.08
N HIS A 146 -14.61 10.46 -7.83
CA HIS A 146 -14.15 9.44 -8.76
C HIS A 146 -12.83 8.82 -8.32
N VAL A 147 -12.51 7.68 -8.89
CA VAL A 147 -11.28 6.99 -8.54
C VAL A 147 -10.15 7.35 -9.51
N THR A 148 -8.94 7.47 -8.97
CA THR A 148 -7.76 7.80 -9.76
C THR A 148 -6.66 6.78 -9.45
N HIS A 149 -5.66 6.68 -10.31
CA HIS A 149 -4.60 5.71 -10.07
C HIS A 149 -3.84 5.87 -8.74
N PRO A 150 -3.64 7.13 -8.27
CA PRO A 150 -2.92 7.25 -7.00
C PRO A 150 -3.76 6.78 -5.81
N ASP A 151 -4.91 6.19 -6.10
CA ASP A 151 -5.80 5.67 -5.07
C ASP A 151 -5.39 4.25 -4.67
N PHE A 152 -4.92 3.49 -5.66
CA PHE A 152 -4.45 2.13 -5.43
C PHE A 152 -3.00 2.25 -5.00
N MET A 153 -2.47 3.46 -5.18
CA MET A 153 -1.11 3.80 -4.78
C MET A 153 -1.17 4.09 -3.28
N LEU A 154 -2.17 4.86 -2.86
CA LEU A 154 -2.34 5.17 -1.44
C LEU A 154 -2.79 3.92 -0.72
N TYR A 155 -3.68 3.16 -1.35
CA TYR A 155 -4.19 1.93 -0.77
C TYR A 155 -3.02 1.01 -0.54
N ASP A 156 -2.20 0.84 -1.57
CA ASP A 156 -1.05 -0.03 -1.47
C ASP A 156 -0.10 0.50 -0.39
N ALA A 157 0.20 1.80 -0.47
CA ALA A 157 1.09 2.43 0.49
C ALA A 157 0.56 2.26 1.91
N LEU A 158 -0.75 2.46 2.08
CA LEU A 158 -1.41 2.33 3.37
C LEU A 158 -1.35 0.88 3.86
N ASP A 159 -1.56 -0.04 2.91
CA ASP A 159 -1.53 -1.46 3.20
C ASP A 159 -0.19 -1.81 3.83
N VAL A 160 0.87 -1.55 3.08
CA VAL A 160 2.23 -1.81 3.52
C VAL A 160 2.57 -1.20 4.86
N VAL A 161 2.31 0.09 5.01
CA VAL A 161 2.59 0.81 6.25
C VAL A 161 1.98 0.07 7.43
N LEU A 162 0.77 -0.44 7.24
CA LEU A 162 0.08 -1.16 8.30
C LEU A 162 0.78 -2.45 8.70
N TYR A 163 1.93 -2.73 8.09
CA TYR A 163 2.69 -3.92 8.44
C TYR A 163 3.86 -3.51 9.34
N MET A 164 4.33 -2.28 9.18
CA MET A 164 5.43 -1.77 9.98
C MET A 164 4.90 -1.55 11.39
N ASP A 165 3.84 -0.77 11.48
CA ASP A 165 3.20 -0.50 12.76
C ASP A 165 1.70 -0.54 12.48
N PRO A 166 1.03 -1.59 12.96
CA PRO A 166 -0.42 -1.71 12.75
C PRO A 166 -1.19 -0.75 13.65
N MET A 167 -0.55 0.33 14.06
CA MET A 167 -1.16 1.35 14.91
C MET A 167 -1.02 2.72 14.28
N CYS A 168 -0.16 2.81 13.27
CA CYS A 168 0.09 4.07 12.58
C CYS A 168 -1.03 4.63 11.71
N LEU A 169 -2.26 4.26 12.00
CA LEU A 169 -3.38 4.76 11.20
C LEU A 169 -4.50 5.23 12.10
N ASP A 170 -4.45 4.80 13.37
CA ASP A 170 -5.47 5.13 14.35
C ASP A 170 -5.79 6.63 14.41
N ALA A 171 -4.75 7.44 14.57
CA ALA A 171 -4.93 8.88 14.62
C ALA A 171 -5.42 9.38 13.27
N PHE A 172 -5.62 8.44 12.33
CA PHE A 172 -6.05 8.82 11.00
C PHE A 172 -7.31 8.15 10.48
N PRO A 173 -8.44 8.37 11.18
CA PRO A 173 -9.74 7.81 10.80
C PRO A 173 -10.35 8.65 9.69
N LYS A 174 -9.98 8.33 8.46
CA LYS A 174 -10.44 9.04 7.28
C LYS A 174 -9.58 8.43 6.18
N LEU A 175 -8.47 7.83 6.63
CA LEU A 175 -7.49 7.14 5.81
C LEU A 175 -7.84 5.66 5.96
N VAL A 176 -8.36 5.32 7.13
CA VAL A 176 -8.78 3.95 7.44
C VAL A 176 -10.13 3.74 6.76
N CYS A 177 -10.89 4.81 6.62
CA CYS A 177 -12.18 4.74 5.98
C CYS A 177 -11.87 4.56 4.51
N PHE A 178 -10.93 5.35 4.03
CA PHE A 178 -10.49 5.32 2.63
C PHE A 178 -10.10 3.90 2.22
N LYS A 179 -9.23 3.27 3.00
CA LYS A 179 -8.79 1.92 2.72
C LYS A 179 -10.00 1.00 2.67
N LYS A 180 -10.78 1.01 3.74
CA LYS A 180 -11.97 0.18 3.87
C LYS A 180 -12.95 0.42 2.72
N ARG A 181 -12.81 1.57 2.07
CA ARG A 181 -13.70 1.92 0.96
C ARG A 181 -13.22 1.36 -0.38
N ILE A 182 -11.91 1.24 -0.56
CA ILE A 182 -11.36 0.68 -1.80
C ILE A 182 -11.64 -0.81 -1.75
N GLU A 183 -11.43 -1.39 -0.58
CA GLU A 183 -11.65 -2.81 -0.36
C GLU A 183 -13.15 -3.11 -0.56
N ALA A 184 -13.98 -2.11 -0.29
CA ALA A 184 -15.42 -2.25 -0.43
C ALA A 184 -15.86 -2.04 -1.88
N ILE A 185 -14.93 -2.16 -2.81
CA ILE A 185 -15.27 -2.00 -4.23
C ILE A 185 -15.31 -3.39 -4.84
N PRO A 186 -16.47 -3.81 -5.38
CA PRO A 186 -16.68 -5.12 -6.01
C PRO A 186 -15.47 -5.67 -6.77
N GLN A 187 -15.06 -4.94 -7.82
CA GLN A 187 -13.91 -5.33 -8.63
C GLN A 187 -12.64 -5.45 -7.79
N ILE A 188 -12.61 -4.76 -6.65
CA ILE A 188 -11.47 -4.81 -5.76
C ILE A 188 -11.82 -5.79 -4.64
N ASP A 189 -13.11 -6.09 -4.54
CA ASP A 189 -13.62 -7.00 -3.53
C ASP A 189 -13.49 -8.45 -3.99
N LYS A 190 -13.44 -8.65 -5.31
CA LYS A 190 -13.31 -9.99 -5.86
C LYS A 190 -11.93 -10.23 -6.44
N TYR A 191 -10.93 -9.47 -5.98
CA TYR A 191 -9.56 -9.64 -6.45
C TYR A 191 -8.69 -9.94 -5.25
N LEU A 192 -8.97 -9.24 -4.16
CA LEU A 192 -8.23 -9.42 -2.92
C LEU A 192 -8.72 -10.75 -2.36
N LYS A 193 -9.73 -11.30 -3.02
CA LYS A 193 -10.36 -12.55 -2.62
C LYS A 193 -10.14 -13.68 -3.64
N SER A 194 -9.36 -13.40 -4.68
CA SER A 194 -9.09 -14.40 -5.71
C SER A 194 -7.66 -14.93 -5.59
N SER A 195 -7.28 -15.84 -6.47
CA SER A 195 -5.93 -16.38 -6.45
C SER A 195 -4.97 -15.34 -6.98
N LYS A 196 -5.45 -14.57 -7.95
CA LYS A 196 -4.67 -13.51 -8.59
C LYS A 196 -3.94 -12.68 -7.54
N TYR A 197 -4.68 -12.31 -6.50
CA TYR A 197 -4.14 -11.52 -5.39
C TYR A 197 -2.77 -12.07 -4.94
N ILE A 198 -1.79 -11.18 -4.81
CA ILE A 198 -0.44 -11.55 -4.37
C ILE A 198 -0.15 -10.92 -3.00
N ALA A 199 -0.60 -11.60 -1.94
CA ALA A 199 -0.45 -11.10 -0.57
C ALA A 199 0.93 -11.15 0.08
N TRP A 200 1.96 -11.56 -0.66
CA TRP A 200 3.31 -11.63 -0.09
C TRP A 200 4.34 -12.11 -1.11
N PRO A 201 5.59 -11.63 -1.00
CA PRO A 201 6.05 -10.67 0.01
C PRO A 201 5.76 -9.23 -0.33
N LEU A 202 6.02 -8.35 0.64
CA LEU A 202 5.80 -6.90 0.50
C LEU A 202 6.78 -6.30 -0.50
N GLN A 203 8.05 -6.64 -0.35
CA GLN A 203 9.08 -6.14 -1.24
C GLN A 203 9.63 -7.27 -2.08
N GLY A 204 10.70 -7.89 -1.61
CA GLY A 204 11.30 -9.01 -2.32
C GLY A 204 11.69 -10.04 -1.27
N TRP A 205 11.65 -11.32 -1.61
CA TRP A 205 11.99 -12.37 -0.64
C TRP A 205 13.31 -12.10 0.05
N GLN A 206 14.07 -11.13 -0.48
CA GLN A 206 15.38 -10.78 0.08
C GLN A 206 15.31 -9.44 0.80
N ALA A 207 14.12 -9.08 1.26
CA ALA A 207 13.93 -7.81 1.96
C ALA A 207 13.76 -8.04 3.45
N THR A 208 14.64 -7.46 4.25
CA THR A 208 14.60 -7.57 5.71
C THR A 208 13.17 -7.35 6.23
N PHE A 209 12.40 -6.56 5.50
CA PHE A 209 11.02 -6.28 5.87
C PHE A 209 10.19 -6.70 4.66
N GLY A 210 8.97 -7.16 4.92
CA GLY A 210 8.10 -7.58 3.84
C GLY A 210 8.74 -8.65 2.97
N GLY A 211 9.77 -9.30 3.51
CA GLY A 211 10.45 -10.34 2.77
C GLY A 211 10.18 -11.72 3.36
N GLY A 212 10.36 -12.76 2.55
CA GLY A 212 10.11 -14.10 3.01
C GLY A 212 9.00 -14.78 2.22
N ASP A 213 8.82 -16.06 2.47
CA ASP A 213 7.78 -16.82 1.78
C ASP A 213 6.51 -16.81 2.62
N HIS A 214 6.62 -16.26 3.83
CA HIS A 214 5.50 -16.21 4.73
C HIS A 214 5.46 -14.86 5.45
N PRO A 215 4.24 -14.35 5.71
CA PRO A 215 4.01 -13.08 6.40
C PRO A 215 3.78 -13.12 7.91
N PRO A 216 4.43 -14.04 8.64
CA PRO A 216 4.14 -14.01 10.08
C PRO A 216 4.48 -12.66 10.73
N LYS A 217 4.10 -12.53 12.00
CA LYS A 217 4.35 -11.31 12.78
C LYS A 217 5.78 -11.35 13.35
N SER A 218 6.21 -12.56 13.71
CA SER A 218 7.54 -12.83 14.25
C SER A 218 8.26 -11.65 14.90
N ASP A 219 8.96 -10.86 14.09
CA ASP A 219 9.74 -9.71 14.59
C ASP A 219 8.93 -8.49 15.01
N LEU A 220 8.99 -7.41 14.22
CA LEU A 220 8.28 -6.17 14.53
C LEU A 220 8.64 -5.75 15.96
N VAL A 221 8.02 -4.69 16.48
CA VAL A 221 8.33 -4.26 17.85
C VAL A 221 7.47 -3.12 18.40
N PRO A 222 6.93 -3.31 19.63
CA PRO A 222 6.10 -2.34 20.35
C PRO A 222 6.98 -1.47 21.25
N ARG A 223 6.37 -0.72 22.16
CA ARG A 223 7.15 0.14 23.06
C ARG A 223 6.34 0.61 24.25
N GLY A 224 5.21 1.26 24.00
CA GLY A 224 4.38 1.76 25.08
C GLY A 224 3.95 0.70 26.09
N SER A 225 4.44 -0.52 25.93
CA SER A 225 4.08 -1.60 26.84
C SER A 225 5.06 -1.68 28.02
N ARG A 226 5.86 -0.63 28.17
CA ARG A 226 6.84 -0.58 29.26
C ARG A 226 6.36 0.32 30.40
N ARG A 227 5.09 0.69 30.35
CA ARG A 227 4.52 1.56 31.37
C ARG A 227 3.19 1.02 31.85
N ALA A 228 2.40 1.88 32.50
CA ALA A 228 1.08 1.52 33.05
C ALA A 228 0.16 0.74 32.11
N SER A 229 -1.13 0.69 32.46
CA SER A 229 -2.09 -0.05 31.67
C SER A 229 -3.33 0.74 31.27
N VAL A 230 -3.93 0.34 30.15
CA VAL A 230 -5.15 0.97 29.63
C VAL A 230 -5.89 -0.14 28.90
N GLY A 231 -5.63 -1.38 29.33
CA GLY A 231 -6.26 -2.52 28.71
C GLY A 231 -7.59 -2.95 29.31
N SER A 232 -8.19 -3.97 28.71
CA SER A 232 -9.46 -4.50 29.17
C SER A 232 -9.86 -5.70 28.29
N ARG A 233 -10.38 -6.75 28.92
CA ARG A 233 -10.80 -7.94 28.19
C ARG A 233 -12.29 -8.18 28.39
N MET A 234 -13.11 -7.21 28.01
CA MET A 234 -14.57 -7.32 28.17
C MET A 234 -15.33 -6.97 26.91
N HIS A 235 -15.61 -7.98 26.07
CA HIS A 235 -16.36 -7.78 24.83
C HIS A 235 -15.57 -6.97 23.80
N TYR A 236 -14.27 -7.21 23.72
CA TYR A 236 -13.41 -6.51 22.76
C TYR A 236 -12.86 -7.42 21.67
N PRO A 237 -13.71 -7.90 20.74
CA PRO A 237 -13.21 -8.77 19.66
C PRO A 237 -12.04 -8.11 18.92
N GLY A 238 -10.85 -8.27 19.48
CA GLY A 238 -9.68 -7.67 18.88
C GLY A 238 -9.10 -8.48 17.74
N ALA A 239 -7.78 -8.71 17.79
CA ALA A 239 -7.08 -9.46 16.76
C ALA A 239 -5.63 -9.49 17.17
N PHE A 240 -5.08 -8.30 17.43
CA PHE A 240 -3.68 -8.20 17.87
C PHE A 240 -3.69 -8.57 19.36
N THR A 241 -3.40 -7.58 20.21
CA THR A 241 -3.36 -7.75 21.67
C THR A 241 -3.22 -6.40 22.39
N TYR A 242 -3.87 -5.36 21.86
CA TYR A 242 -3.81 -4.04 22.50
C TYR A 242 -5.10 -3.79 23.28
N SER A 243 -5.40 -4.68 24.22
CA SER A 243 -6.61 -4.61 25.05
C SER A 243 -7.15 -3.19 25.20
N PRO A 244 -8.39 -2.96 24.72
CA PRO A 244 -8.99 -1.63 24.81
C PRO A 244 -9.30 -1.23 26.25
N THR A 245 -10.43 -0.54 26.42
CA THR A 245 -10.87 -0.07 27.72
C THR A 245 -12.24 0.56 27.51
N PRO A 246 -12.86 1.09 28.58
CA PRO A 246 -14.18 1.71 28.39
C PRO A 246 -13.99 3.21 28.18
N VAL A 247 -14.97 3.86 27.55
CA VAL A 247 -14.91 5.28 27.27
C VAL A 247 -14.84 6.16 28.54
N THR A 248 -15.47 5.71 29.62
CA THR A 248 -15.50 6.47 30.87
C THR A 248 -15.76 5.60 32.10
N SER A 249 -17.01 5.20 32.26
CA SER A 249 -17.50 4.37 33.35
C SER A 249 -18.97 4.77 33.27
N GLY A 250 -19.59 4.65 32.10
CA GLY A 250 -20.93 5.31 32.02
C GLY A 250 -20.89 6.70 31.39
N ILE A 251 -21.48 7.73 32.00
CA ILE A 251 -21.50 9.09 31.41
C ILE A 251 -20.37 10.08 31.74
N GLY A 252 -20.45 11.33 31.24
CA GLY A 252 -19.42 12.34 31.54
C GLY A 252 -18.90 12.24 32.98
N ILE A 253 -19.63 12.83 33.93
CA ILE A 253 -19.28 12.77 35.36
C ILE A 253 -18.26 13.78 35.88
N GLY A 254 -17.36 14.26 35.02
CA GLY A 254 -16.32 15.17 35.44
C GLY A 254 -15.74 15.14 36.85
N MET A 255 -14.99 16.19 37.20
CA MET A 255 -14.34 16.35 38.51
C MET A 255 -13.25 15.28 38.68
N SER A 256 -13.28 14.57 39.81
CA SER A 256 -12.34 13.49 40.10
C SER A 256 -10.83 13.81 40.13
N ALA A 257 -10.05 12.81 40.51
CA ALA A 257 -8.59 12.96 40.64
C ALA A 257 -7.83 11.62 40.63
N MET A 258 -8.51 10.53 40.96
CA MET A 258 -7.88 9.22 40.97
C MET A 258 -7.16 8.99 42.30
N GLY A 259 -6.40 7.90 42.38
CA GLY A 259 -5.68 7.58 43.60
C GLY A 259 -4.77 6.36 43.47
N SER A 260 -3.70 6.33 44.26
CA SER A 260 -2.76 5.22 44.24
C SER A 260 -1.61 5.52 45.20
#